data_4XPK
#
_entry.id   4XPK
#
_cell.length_a   42.558
_cell.length_b   111.033
_cell.length_c   41.045
_cell.angle_alpha   90.000
_cell.angle_beta   90.000
_cell.angle_gamma   90.000
#
_symmetry.space_group_name_H-M   'P 21 21 2'
#
loop_
_entity.id
_entity.type
_entity.pdbx_description
1 polymer 'N-Acetyltransferase, PseH'
2 water water
#
_entity_poly.entity_id   1
_entity_poly.type   'polypeptide(L)'
_entity_poly.pdbx_seq_one_letter_code
;GSAKDPLIKLKNFTELNSQEIELIFKWRNHPDINQFMKTKYIDFEEHLRFLKKLHQDSSKKYFLVFQDEQIIGVIDFVNI
TTKSCEFGLYAKPNLKGVGQILMNEIIKYAFESLKVNTLKAYVFKSNHKALKLYQQNHFTIYDEDKDFYYVYLKQSNCKA
LPS
;
_entity_poly.pdbx_strand_id   A
#
# COMPACT_ATOMS: atom_id res chain seq x y z
N PRO A 6 6.49 -9.14 17.49
CA PRO A 6 7.00 -8.48 16.28
C PRO A 6 6.98 -6.98 16.40
N LEU A 7 8.06 -6.33 15.99
CA LEU A 7 8.08 -4.85 15.97
C LEU A 7 7.03 -4.31 14.95
N ILE A 8 6.87 -4.96 13.80
CA ILE A 8 5.97 -4.42 12.74
C ILE A 8 4.66 -5.20 12.67
N LYS A 9 3.55 -4.50 12.72
CA LYS A 9 2.24 -5.13 12.73
C LYS A 9 1.33 -4.46 11.70
N LEU A 10 0.39 -5.24 11.19
CA LEU A 10 -0.57 -4.76 10.18
C LEU A 10 -2.00 -4.73 10.79
N LYS A 11 -2.71 -3.67 10.52
CA LYS A 11 -4.14 -3.60 10.81
C LYS A 11 -4.89 -3.40 9.51
N ASN A 12 -5.77 -4.36 9.22
CA ASN A 12 -6.63 -4.24 8.03
C ASN A 12 -7.53 -3.00 8.14
N PHE A 13 -7.67 -2.28 7.03
CA PHE A 13 -8.59 -1.15 6.99
C PHE A 13 -10.02 -1.50 7.44
N THR A 14 -10.44 -2.74 7.27
CA THR A 14 -11.81 -3.12 7.65
C THR A 14 -12.00 -3.09 9.18
N GLU A 15 -10.89 -3.05 9.92
CA GLU A 15 -10.89 -2.99 11.37
C GLU A 15 -10.55 -1.60 11.97
N LEU A 16 -10.44 -0.56 11.13
CA LEU A 16 -10.01 0.76 11.64
C LEU A 16 -11.08 1.40 12.50
N ASN A 17 -10.66 2.19 13.48
CA ASN A 17 -11.57 2.95 14.32
C ASN A 17 -11.67 4.37 13.79
N SER A 18 -12.57 5.15 14.40
CA SER A 18 -12.91 6.46 13.90
C SER A 18 -11.74 7.44 13.90
N GLN A 19 -10.90 7.38 14.92
CA GLN A 19 -9.70 8.25 15.04
C GLN A 19 -8.68 7.96 13.92
N GLU A 20 -8.44 6.67 13.69
CA GLU A 20 -7.53 6.21 12.65
C GLU A 20 -7.95 6.67 11.27
N ILE A 21 -9.24 6.48 10.97
CA ILE A 21 -9.78 6.83 9.65
C ILE A 21 -9.56 8.34 9.39
N GLU A 22 -9.93 9.14 10.37
CA GLU A 22 -9.79 10.60 10.30
C GLU A 22 -8.34 10.98 10.05
N LEU A 23 -7.46 10.45 10.90
CA LEU A 23 -6.04 10.74 10.83
C LEU A 23 -5.45 10.44 9.45
N ILE A 24 -5.69 9.25 8.91
CA ILE A 24 -4.98 8.90 7.67
C ILE A 24 -5.50 9.58 6.41
N PHE A 25 -6.79 9.86 6.34
CA PHE A 25 -7.30 10.57 5.16
C PHE A 25 -6.83 12.03 5.12
N LYS A 26 -6.45 12.57 6.29
CA LYS A 26 -5.86 13.92 6.37
C LYS A 26 -4.45 14.04 5.77
N TRP A 27 -3.72 12.93 5.69
CA TRP A 27 -2.37 12.97 5.11
C TRP A 27 -2.39 13.59 3.73
N LYS A 38 -11.88 19.96 11.65
CA LYS A 38 -13.03 19.10 11.87
C LYS A 38 -13.56 18.55 10.53
N THR A 39 -13.64 17.23 10.44
CA THR A 39 -14.06 16.56 9.22
C THR A 39 -15.54 16.86 8.83
N LYS A 40 -15.75 17.12 7.55
CA LYS A 40 -17.09 17.38 7.00
C LYS A 40 -17.81 16.05 6.94
N TYR A 41 -19.13 16.10 7.10
CA TYR A 41 -19.90 14.87 7.06
C TYR A 41 -19.70 14.15 5.72
N ILE A 42 -19.69 14.90 4.62
CA ILE A 42 -19.58 14.26 3.31
C ILE A 42 -18.25 13.47 3.16
N ASP A 43 -17.15 13.99 3.71
CA ASP A 43 -15.87 13.30 3.69
C ASP A 43 -15.89 12.04 4.52
N PHE A 44 -16.35 12.16 5.76
CA PHE A 44 -16.58 11.04 6.65
C PHE A 44 -17.39 9.94 5.96
N GLU A 45 -18.53 10.30 5.38
CA GLU A 45 -19.42 9.38 4.72
C GLU A 45 -18.76 8.69 3.52
N GLU A 46 -17.96 9.45 2.74
CA GLU A 46 -17.25 8.90 1.61
C GLU A 46 -16.18 7.94 2.08
N HIS A 47 -15.53 8.27 3.20
CA HIS A 47 -14.52 7.33 3.76
C HIS A 47 -15.20 6.02 4.23
N LEU A 48 -16.36 6.11 4.88
CA LEU A 48 -17.08 4.89 5.32
C LEU A 48 -17.57 4.03 4.19
N ARG A 49 -18.06 4.67 3.11
CA ARG A 49 -18.50 3.93 1.95
C ARG A 49 -17.35 3.13 1.33
N PHE A 50 -16.17 3.74 1.27
CA PHE A 50 -14.92 3.05 0.83
C PHE A 50 -14.59 1.84 1.72
N LEU A 51 -14.65 2.04 3.05
CA LEU A 51 -14.39 0.97 3.99
C LEU A 51 -15.41 -0.17 3.85
N LYS A 52 -16.69 0.17 3.66
CA LYS A 52 -17.73 -0.81 3.37
C LYS A 52 -17.43 -1.58 2.07
N LYS A 53 -17.04 -0.88 1.00
CA LYS A 53 -16.62 -1.60 -0.22
C LYS A 53 -15.51 -2.60 0.01
N LEU A 54 -14.51 -2.24 0.82
CA LEU A 54 -13.41 -3.17 1.18
C LEU A 54 -13.86 -4.41 1.93
N HIS A 55 -14.90 -4.33 2.79
CA HIS A 55 -15.44 -5.56 3.42
C HIS A 55 -15.95 -6.53 2.35
N GLN A 56 -16.39 -6.00 1.21
CA GLN A 56 -17.06 -6.78 0.17
C GLN A 56 -16.15 -7.20 -1.00
N ASP A 57 -14.89 -6.73 -1.01
CA ASP A 57 -14.03 -6.86 -2.18
C ASP A 57 -12.77 -7.66 -1.87
N SER A 58 -12.76 -8.92 -2.26
CA SER A 58 -11.59 -9.81 -2.01
C SER A 58 -10.38 -9.52 -2.92
N SER A 59 -10.57 -8.65 -3.92
CA SER A 59 -9.48 -8.25 -4.82
C SER A 59 -8.66 -7.07 -4.33
N LYS A 60 -9.03 -6.49 -3.18
CA LYS A 60 -8.29 -5.35 -2.60
C LYS A 60 -8.10 -5.58 -1.10
N LYS A 61 -6.96 -5.18 -0.60
CA LYS A 61 -6.65 -5.24 0.83
C LYS A 61 -5.83 -4.00 1.13
N TYR A 62 -6.22 -3.22 2.14
CA TYR A 62 -5.44 -2.09 2.59
C TYR A 62 -5.10 -2.32 4.06
N PHE A 63 -3.88 -1.94 4.47
CA PHE A 63 -3.41 -2.10 5.83
C PHE A 63 -2.80 -0.81 6.35
N LEU A 64 -3.03 -0.54 7.63
CA LEU A 64 -2.31 0.44 8.39
C LEU A 64 -1.15 -0.31 9.04
N VAL A 65 0.06 0.25 8.91
CA VAL A 65 1.29 -0.40 9.41
C VAL A 65 1.78 0.36 10.64
N PHE A 66 2.11 -0.40 11.67
CA PHE A 66 2.56 0.10 12.96
C PHE A 66 3.96 -0.42 13.22
N GLN A 67 4.80 0.45 13.80
CA GLN A 67 6.12 0.06 14.31
C GLN A 67 6.10 0.43 15.81
N ASP A 68 6.25 -0.56 16.67
CA ASP A 68 6.18 -0.38 18.10
C ASP A 68 4.91 0.36 18.53
N GLU A 69 3.76 0.01 17.94
CA GLU A 69 2.46 0.60 18.25
C GLU A 69 2.26 2.08 17.76
N GLN A 70 3.16 2.56 16.92
CA GLN A 70 3.03 3.86 16.27
C GLN A 70 2.77 3.64 14.79
N ILE A 71 1.80 4.37 14.25
CA ILE A 71 1.56 4.34 12.80
C ILE A 71 2.73 4.87 11.99
N ILE A 72 3.19 4.11 10.97
CA ILE A 72 4.26 4.61 10.09
C ILE A 72 3.83 4.72 8.64
N GLY A 73 2.65 4.19 8.30
CA GLY A 73 2.24 4.18 6.89
C GLY A 73 1.05 3.28 6.59
N VAL A 74 0.70 3.30 5.29
CA VAL A 74 -0.34 2.50 4.72
C VAL A 74 0.27 1.79 3.49
N ILE A 75 -0.15 0.55 3.32
CA ILE A 75 0.19 -0.24 2.15
C ILE A 75 -1.11 -0.84 1.63
N ASP A 76 -1.17 -1.02 0.31
CA ASP A 76 -2.34 -1.64 -0.28
C ASP A 76 -1.99 -2.56 -1.44
N PHE A 77 -2.88 -3.52 -1.65
CA PHE A 77 -2.78 -4.49 -2.73
C PHE A 77 -4.13 -4.41 -3.46
N VAL A 78 -4.09 -4.22 -4.78
CA VAL A 78 -5.30 -4.19 -5.57
C VAL A 78 -5.14 -5.06 -6.81
N ASN A 79 -6.26 -5.38 -7.44
CA ASN A 79 -6.30 -6.34 -8.51
C ASN A 79 -5.60 -7.62 -8.14
N ILE A 80 -5.88 -8.09 -6.93
CA ILE A 80 -5.32 -9.35 -6.47
C ILE A 80 -5.94 -10.54 -7.26
N THR A 81 -5.08 -11.33 -7.87
CA THR A 81 -5.43 -12.63 -8.40
C THR A 81 -4.60 -13.69 -7.70
N THR A 82 -4.79 -14.96 -8.11
CA THR A 82 -3.95 -16.05 -7.62
C THR A 82 -2.49 -15.92 -8.04
N LYS A 83 -2.21 -15.23 -9.14
CA LYS A 83 -0.85 -15.14 -9.66
C LYS A 83 -0.17 -13.79 -9.50
N SER A 84 -0.93 -12.71 -9.28
CA SER A 84 -0.31 -11.38 -9.26
C SER A 84 -1.15 -10.37 -8.50
N CYS A 85 -0.52 -9.25 -8.13
CA CYS A 85 -1.24 -8.11 -7.61
C CYS A 85 -0.47 -6.82 -7.90
N GLU A 86 -1.16 -5.69 -7.74
CA GLU A 86 -0.54 -4.36 -7.83
C GLU A 86 -0.50 -3.86 -6.42
N PHE A 87 0.42 -2.97 -6.12
CA PHE A 87 0.50 -2.50 -4.76
C PHE A 87 0.75 -1.01 -4.75
N GLY A 88 0.51 -0.44 -3.58
CA GLY A 88 0.76 0.99 -3.34
C GLY A 88 1.33 1.15 -1.94
N LEU A 89 2.07 2.25 -1.70
CA LEU A 89 2.68 2.48 -0.37
C LEU A 89 2.72 3.99 -0.09
N TYR A 90 2.38 4.37 1.14
CA TYR A 90 2.31 5.75 1.54
C TYR A 90 2.83 5.87 2.97
N ALA A 91 3.98 6.51 3.14
CA ALA A 91 4.56 6.73 4.45
C ALA A 91 3.82 7.87 5.12
N LYS A 92 3.74 7.83 6.44
CA LYS A 92 3.20 8.88 7.22
C LYS A 92 4.06 10.12 6.84
N PRO A 93 3.42 11.25 6.51
CA PRO A 93 4.15 12.31 5.79
C PRO A 93 5.31 12.97 6.56
N ASN A 94 5.29 12.95 7.88
CA ASN A 94 6.38 13.56 8.65
C ASN A 94 7.52 12.57 9.06
N LEU A 95 7.51 11.37 8.51
CA LEU A 95 8.53 10.38 8.85
C LEU A 95 9.47 10.19 7.66
N LYS A 96 10.75 10.06 7.97
CA LYS A 96 11.75 9.63 6.98
C LYS A 96 12.28 8.26 7.34
N GLY A 97 12.75 7.56 6.32
CA GLY A 97 13.37 6.24 6.50
C GLY A 97 12.45 5.07 6.75
N VAL A 98 11.17 5.20 6.45
CA VAL A 98 10.21 4.12 6.65
C VAL A 98 9.83 3.47 5.31
N GLY A 99 10.24 4.04 4.17
CA GLY A 99 9.95 3.40 2.87
C GLY A 99 10.40 1.94 2.79
N GLN A 100 11.62 1.66 3.22
CA GLN A 100 12.14 0.30 3.15
C GLN A 100 11.39 -0.66 4.06
N ILE A 101 10.94 -0.17 5.21
CA ILE A 101 10.13 -0.98 6.11
C ILE A 101 8.83 -1.37 5.48
N LEU A 102 8.17 -0.41 4.85
CA LEU A 102 6.92 -0.63 4.18
C LEU A 102 7.10 -1.60 2.98
N MET A 103 8.16 -1.41 2.22
CA MET A 103 8.49 -2.31 1.08
C MET A 103 8.69 -3.76 1.61
N ASN A 104 9.42 -3.92 2.72
CA ASN A 104 9.59 -5.25 3.31
C ASN A 104 8.25 -5.89 3.58
N GLU A 105 7.33 -5.13 4.15
CA GLU A 105 6.05 -5.66 4.51
C GLU A 105 5.23 -6.03 3.29
N ILE A 106 5.31 -5.24 2.25
CA ILE A 106 4.57 -5.47 1.01
C ILE A 106 5.06 -6.77 0.38
N ILE A 107 6.35 -6.91 0.24
CA ILE A 107 6.88 -8.06 -0.46
C ILE A 107 6.60 -9.34 0.34
N LYS A 108 6.81 -9.30 1.64
CA LYS A 108 6.49 -10.40 2.51
C LYS A 108 5.01 -10.83 2.47
N TYR A 109 4.09 -9.86 2.55
CA TYR A 109 2.68 -10.17 2.48
C TYR A 109 2.32 -10.74 1.10
N ALA A 110 2.82 -10.14 0.03
CA ALA A 110 2.45 -10.64 -1.29
C ALA A 110 2.97 -12.04 -1.51
N PHE A 111 4.23 -12.31 -1.17
CA PHE A 111 4.80 -13.61 -1.50
C PHE A 111 4.37 -14.70 -0.50
N GLU A 112 4.19 -14.36 0.78
CA GLU A 112 3.92 -15.36 1.82
C GLU A 112 2.42 -15.55 2.17
N SER A 113 1.63 -14.48 2.12
CA SER A 113 0.19 -14.53 2.43
C SER A 113 -0.67 -14.63 1.19
N LEU A 114 -0.52 -13.69 0.26
CA LEU A 114 -1.25 -13.81 -1.02
C LEU A 114 -0.67 -14.92 -1.91
N LYS A 115 0.60 -15.24 -1.70
CA LYS A 115 1.32 -16.24 -2.47
C LYS A 115 1.31 -15.97 -3.97
N VAL A 116 1.45 -14.71 -4.37
CA VAL A 116 1.43 -14.37 -5.80
C VAL A 116 2.83 -14.62 -6.35
N ASN A 117 2.96 -14.80 -7.66
CA ASN A 117 4.31 -14.88 -8.24
C ASN A 117 4.88 -13.55 -8.69
N THR A 118 4.01 -12.60 -9.04
CA THR A 118 4.41 -11.32 -9.61
C THR A 118 3.75 -10.13 -8.85
N LEU A 119 4.57 -9.23 -8.35
CA LEU A 119 4.14 -7.96 -7.75
C LEU A 119 4.38 -6.86 -8.75
N LYS A 120 3.34 -6.05 -9.00
CA LYS A 120 3.42 -5.00 -9.97
C LYS A 120 3.01 -3.65 -9.38
N ALA A 121 3.58 -2.59 -9.93
CA ALA A 121 3.14 -1.26 -9.61
C ALA A 121 3.31 -0.36 -10.81
N TYR A 122 2.58 0.76 -10.75
CA TYR A 122 2.79 1.85 -11.67
C TYR A 122 2.91 3.14 -10.90
N VAL A 123 3.87 3.96 -11.33
CA VAL A 123 4.31 5.16 -10.66
C VAL A 123 4.38 6.31 -11.68
N PHE A 124 3.95 7.50 -11.29
CA PHE A 124 4.22 8.69 -12.09
C PHE A 124 5.73 8.79 -12.38
N LYS A 125 6.07 9.18 -13.61
CA LYS A 125 7.48 9.24 -14.04
C LYS A 125 8.32 10.27 -13.25
N SER A 126 7.67 11.30 -12.69
CA SER A 126 8.34 12.25 -11.81
C SER A 126 8.55 11.70 -10.38
N ASN A 127 7.91 10.60 -10.01
CA ASN A 127 8.02 10.08 -8.66
C ASN A 127 9.36 9.34 -8.48
N HIS A 128 10.45 10.10 -8.54
CA HIS A 128 11.78 9.52 -8.59
C HIS A 128 12.16 8.86 -7.26
N LYS A 129 11.65 9.38 -6.16
CA LYS A 129 11.79 8.72 -4.86
C LYS A 129 11.23 7.29 -4.87
N ALA A 130 10.03 7.10 -5.39
CA ALA A 130 9.44 5.74 -5.42
C ALA A 130 10.26 4.84 -6.36
N LEU A 131 10.58 5.34 -7.55
CA LEU A 131 11.27 4.51 -8.53
C LEU A 131 12.60 3.98 -7.99
N LYS A 132 13.37 4.88 -7.38
CA LYS A 132 14.60 4.52 -6.69
C LYS A 132 14.39 3.43 -5.63
N LEU A 133 13.37 3.58 -4.78
CA LEU A 133 13.10 2.56 -3.77
C LEU A 133 12.82 1.23 -4.42
N TYR A 134 12.01 1.24 -5.45
CA TYR A 134 11.60 0.00 -6.10
C TYR A 134 12.83 -0.65 -6.77
N GLN A 135 13.67 0.16 -7.41
CA GLN A 135 14.90 -0.37 -8.01
C GLN A 135 15.81 -1.03 -6.94
N GLN A 136 15.92 -0.43 -5.75
CA GLN A 136 16.73 -1.00 -4.68
C GLN A 136 16.17 -2.32 -4.17
N ASN A 137 14.88 -2.56 -4.38
CA ASN A 137 14.27 -3.83 -4.02
C ASN A 137 14.06 -4.79 -5.22
N HIS A 138 14.82 -4.56 -6.29
CA HIS A 138 15.02 -5.46 -7.44
C HIS A 138 13.87 -5.44 -8.42
N PHE A 139 13.04 -4.41 -8.34
CA PHE A 139 12.01 -4.17 -9.34
C PHE A 139 12.64 -3.80 -10.67
N THR A 140 12.02 -4.25 -11.76
CA THR A 140 12.42 -3.89 -13.11
C THR A 140 11.29 -3.14 -13.85
N ILE A 141 11.65 -2.09 -14.59
CA ILE A 141 10.70 -1.35 -15.40
C ILE A 141 10.41 -2.20 -16.64
N TYR A 142 9.15 -2.49 -16.89
CA TYR A 142 8.78 -3.32 -18.06
C TYR A 142 7.94 -2.58 -19.12
N ASP A 143 7.42 -1.40 -18.77
CA ASP A 143 6.61 -0.62 -19.72
C ASP A 143 6.57 0.84 -19.28
N GLU A 144 6.11 1.69 -20.19
CA GLU A 144 5.99 3.13 -19.97
C GLU A 144 4.83 3.60 -20.86
N ASP A 145 3.98 4.48 -20.35
CA ASP A 145 3.05 5.18 -21.24
C ASP A 145 3.20 6.69 -20.97
N LYS A 146 2.23 7.50 -21.37
CA LYS A 146 2.34 8.98 -21.22
C LYS A 146 2.57 9.39 -19.76
N ASP A 147 1.92 8.70 -18.82
CA ASP A 147 1.90 9.11 -17.41
C ASP A 147 2.78 8.30 -16.48
N PHE A 148 2.96 7.02 -16.79
CA PHE A 148 3.51 6.09 -15.79
C PHE A 148 4.70 5.28 -16.27
N TYR A 149 5.56 4.90 -15.32
CA TYR A 149 6.43 3.73 -15.48
C TYR A 149 5.72 2.57 -14.79
N TYR A 150 5.85 1.38 -15.39
CA TYR A 150 5.27 0.16 -14.85
C TYR A 150 6.41 -0.73 -14.42
N VAL A 151 6.35 -1.25 -13.19
CA VAL A 151 7.43 -2.05 -12.64
C VAL A 151 6.93 -3.40 -12.17
N TYR A 152 7.81 -4.42 -12.19
CA TYR A 152 7.47 -5.72 -11.63
C TYR A 152 8.64 -6.37 -10.87
N LEU A 153 8.26 -7.24 -9.95
CA LEU A 153 9.14 -8.19 -9.27
C LEU A 153 8.45 -9.56 -9.27
N LYS A 154 9.19 -10.60 -9.67
CA LYS A 154 8.69 -11.96 -9.65
C LYS A 154 9.46 -12.77 -8.64
N GLN A 155 8.77 -13.65 -7.95
CA GLN A 155 9.35 -14.45 -6.91
C GLN A 155 10.21 -15.47 -7.62
N SER A 156 9.62 -16.09 -8.64
CA SER A 156 10.30 -17.02 -9.52
C SER A 156 9.97 -16.65 -10.97
#